data_7V5F
#
_entry.id   7V5F
#
_entity_poly.entity_id   1
_entity_poly.type   'polypeptide(L)'
_entity_poly.pdbx_seq_one_letter_code
;ADCTEYCSNSCPFCNGQPLYQLCCINNCCPS
;
_entity_poly.pdbx_strand_id   A
#
# COMPACT_ATOMS: atom_id res chain seq x y z
N ALA A 1 0.62 -8.82 2.91
CA ALA A 1 1.66 -8.26 2.02
C ALA A 1 1.08 -7.89 0.68
N ASP A 2 1.75 -6.94 -0.02
CA ASP A 2 1.32 -6.48 -1.32
C ASP A 2 -0.02 -5.79 -1.20
N CYS A 3 -0.36 -5.33 0.04
CA CYS A 3 -1.63 -4.65 0.26
C CYS A 3 -2.76 -5.56 -0.10
N THR A 4 -2.73 -6.82 0.36
CA THR A 4 -3.80 -7.74 0.04
C THR A 4 -4.82 -7.65 1.14
N GLU A 5 -4.43 -7.14 2.33
CA GLU A 5 -5.38 -7.03 3.42
C GLU A 5 -5.44 -5.59 3.86
N TYR A 6 -4.39 -4.79 3.55
CA TYR A 6 -4.37 -3.41 3.96
C TYR A 6 -5.38 -2.64 3.16
N CYS A 7 -5.57 -3.00 1.87
CA CYS A 7 -6.52 -2.28 1.06
C CYS A 7 -6.92 -3.19 -0.06
N SER A 8 -8.05 -2.88 -0.72
CA SER A 8 -8.52 -3.69 -1.82
C SER A 8 -7.53 -3.63 -2.95
N ASN A 9 -6.94 -2.44 -3.19
CA ASN A 9 -5.98 -2.30 -4.26
C ASN A 9 -4.72 -3.02 -3.86
N SER A 10 -4.17 -3.83 -4.80
CA SER A 10 -2.96 -4.55 -4.53
C SER A 10 -1.81 -3.71 -4.99
N CYS A 11 -0.76 -3.61 -4.15
CA CYS A 11 0.37 -2.79 -4.50
C CYS A 11 1.63 -3.56 -4.22
N PRO A 12 2.08 -4.32 -5.20
CA PRO A 12 3.30 -5.10 -5.04
C PRO A 12 4.53 -4.23 -4.98
N PHE A 13 4.38 -2.96 -5.42
CA PHE A 13 5.48 -2.02 -5.39
C PHE A 13 5.58 -1.40 -4.03
N CYS A 14 4.57 -1.67 -3.16
CA CYS A 14 4.56 -1.07 -1.85
C CYS A 14 5.65 -1.67 -0.99
N ASN A 15 6.00 -2.95 -1.23
CA ASN A 15 7.02 -3.57 -0.41
C ASN A 15 8.38 -3.08 -0.83
N GLY A 16 8.42 -2.16 -1.84
CA GLY A 16 9.67 -1.63 -2.30
C GLY A 16 9.96 -0.38 -1.52
N GLN A 17 9.07 -0.02 -0.57
CA GLN A 17 9.29 1.18 0.22
C GLN A 17 9.15 0.78 1.68
N PRO A 18 9.89 1.46 2.53
CA PRO A 18 9.87 1.18 3.96
C PRO A 18 8.66 1.75 4.67
N LEU A 19 7.95 2.69 4.02
CA LEU A 19 6.80 3.29 4.65
C LEU A 19 5.58 2.70 4.02
N TYR A 20 4.61 2.27 4.85
CA TYR A 20 3.40 1.68 4.33
C TYR A 20 2.26 2.64 4.55
N GLN A 21 2.39 3.54 5.54
CA GLN A 21 1.33 4.48 5.83
C GLN A 21 1.18 5.46 4.69
N LEU A 22 2.30 5.92 4.12
CA LEU A 22 2.23 6.90 3.05
C LEU A 22 2.17 6.16 1.74
N CYS A 23 2.39 4.83 1.76
CA CYS A 23 2.42 4.08 0.53
C CYS A 23 1.09 3.41 0.31
N CYS A 24 0.71 2.48 1.20
CA CYS A 24 -0.51 1.74 0.98
C CYS A 24 -1.71 2.51 1.45
N ILE A 25 -1.67 3.02 2.69
CA ILE A 25 -2.81 3.70 3.24
C ILE A 25 -3.10 4.98 2.50
N ASN A 26 -2.06 5.77 2.14
CA ASN A 26 -2.33 7.03 1.48
C ASN A 26 -2.21 6.94 -0.03
N ASN A 27 -1.02 6.58 -0.56
CA ASN A 27 -0.83 6.59 -2.01
C ASN A 27 -1.69 5.55 -2.71
N CYS A 28 -1.68 4.28 -2.25
CA CYS A 28 -2.45 3.24 -2.93
C CYS A 28 -3.92 3.51 -2.82
N CYS A 29 -4.42 3.92 -1.64
CA CYS A 29 -5.84 4.16 -1.50
C CYS A 29 -6.06 5.50 -0.85
N PRO A 30 -6.01 6.54 -1.66
CA PRO A 30 -6.22 7.90 -1.17
C PRO A 30 -7.56 8.11 -0.53
N SER A 31 -7.61 8.90 0.55
CA SER A 31 -8.86 9.14 1.22
C SER A 31 -8.78 10.55 1.84
N ALA A 1 0.72 -8.98 2.48
CA ALA A 1 1.68 -8.56 1.44
C ALA A 1 0.95 -8.07 0.21
N ASP A 2 1.61 -7.16 -0.55
CA ASP A 2 1.03 -6.62 -1.76
C ASP A 2 -0.18 -5.80 -1.41
N CYS A 3 -0.32 -5.40 -0.13
CA CYS A 3 -1.45 -4.61 0.33
C CYS A 3 -2.74 -5.35 0.11
N THR A 4 -2.69 -6.70 0.08
CA THR A 4 -3.89 -7.48 -0.14
C THR A 4 -4.79 -7.35 1.06
N GLU A 5 -4.20 -7.28 2.28
CA GLU A 5 -5.01 -7.17 3.48
C GLU A 5 -4.76 -5.81 4.09
N TYR A 6 -4.09 -4.90 3.34
CA TYR A 6 -3.80 -3.60 3.89
C TYR A 6 -4.82 -2.62 3.38
N CYS A 7 -5.15 -2.67 2.07
CA CYS A 7 -6.12 -1.73 1.54
C CYS A 7 -6.93 -2.42 0.48
N SER A 8 -6.93 -3.76 0.49
CA SER A 8 -7.68 -4.53 -0.48
C SER A 8 -7.32 -4.08 -1.88
N ASN A 9 -6.02 -3.81 -2.13
CA ASN A 9 -5.61 -3.37 -3.44
C ASN A 9 -4.24 -3.93 -3.65
N SER A 10 -3.92 -4.30 -4.92
CA SER A 10 -2.63 -4.87 -5.20
C SER A 10 -1.65 -3.74 -5.36
N CYS A 11 -0.72 -3.62 -4.39
CA CYS A 11 0.29 -2.59 -4.45
C CYS A 11 1.61 -3.24 -4.16
N PRO A 12 2.13 -3.97 -5.12
CA PRO A 12 3.40 -4.65 -4.97
C PRO A 12 4.57 -3.71 -4.88
N PHE A 13 4.36 -2.47 -5.37
CA PHE A 13 5.41 -1.48 -5.34
C PHE A 13 5.59 -0.98 -3.93
N CYS A 14 4.59 -1.21 -3.05
CA CYS A 14 4.70 -0.74 -1.68
C CYS A 14 5.53 -1.70 -0.89
N ASN A 15 5.87 -2.86 -1.48
CA ASN A 15 6.67 -3.83 -0.75
C ASN A 15 8.10 -3.41 -0.89
N GLY A 16 8.37 -2.39 -1.75
CA GLY A 16 9.72 -1.92 -1.95
C GLY A 16 9.91 -0.70 -1.10
N GLN A 17 8.90 -0.34 -0.28
CA GLN A 17 9.02 0.83 0.55
C GLN A 17 8.65 0.42 1.96
N PRO A 18 9.29 1.03 2.92
CA PRO A 18 9.04 0.74 4.32
C PRO A 18 7.87 1.50 4.89
N LEU A 19 7.39 2.52 4.17
CA LEU A 19 6.28 3.30 4.67
C LEU A 19 5.02 2.83 4.00
N TYR A 20 4.37 1.82 4.60
CA TYR A 20 3.14 1.30 4.05
C TYR A 20 2.04 2.30 4.30
N GLN A 21 2.17 3.09 5.38
CA GLN A 21 1.15 4.06 5.71
C GLN A 21 1.04 5.11 4.62
N LEU A 22 2.19 5.56 4.08
CA LEU A 22 2.13 6.58 3.05
C LEU A 22 1.97 5.93 1.71
N CYS A 23 2.68 4.81 1.48
CA CYS A 23 2.63 4.14 0.19
C CYS A 23 1.28 3.50 -0.03
N CYS A 24 0.74 2.81 0.99
CA CYS A 24 -0.50 2.07 0.78
C CYS A 24 -1.70 2.87 1.22
N ILE A 25 -1.76 3.27 2.50
CA ILE A 25 -2.95 3.95 2.99
C ILE A 25 -3.14 5.27 2.27
N ASN A 26 -2.07 6.05 2.04
CA ASN A 26 -2.25 7.34 1.42
C ASN A 26 -2.22 7.24 -0.10
N ASN A 27 -1.13 6.72 -0.69
CA ASN A 27 -1.02 6.70 -2.14
C ASN A 27 -1.95 5.68 -2.78
N CYS A 28 -1.97 4.41 -2.31
CA CYS A 28 -2.82 3.41 -2.94
C CYS A 28 -4.27 3.75 -2.74
N CYS A 29 -4.65 4.27 -1.55
CA CYS A 29 -6.04 4.58 -1.31
C CYS A 29 -6.16 6.01 -0.87
N PRO A 30 -6.16 6.93 -1.83
CA PRO A 30 -6.26 8.36 -1.53
C PRO A 30 -7.51 8.71 -0.79
N SER A 31 -7.41 9.65 0.16
CA SER A 31 -8.57 10.07 0.92
C SER A 31 -9.22 11.24 0.20
N ALA A 1 0.32 -10.02 2.44
CA ALA A 1 1.33 -9.15 1.81
C ALA A 1 0.73 -8.36 0.67
N ASP A 2 1.55 -7.46 0.08
CA ASP A 2 1.10 -6.63 -1.04
C ASP A 2 0.04 -5.67 -0.56
N CYS A 3 -0.15 -5.57 0.78
CA CYS A 3 -1.13 -4.67 1.36
C CYS A 3 -2.50 -5.05 0.87
N THR A 4 -2.75 -6.36 0.66
CA THR A 4 -4.05 -6.80 0.17
C THR A 4 -5.00 -6.87 1.33
N GLU A 5 -4.49 -6.71 2.57
CA GLU A 5 -5.35 -6.78 3.73
C GLU A 5 -5.85 -5.40 4.06
N TYR A 6 -5.31 -4.35 3.40
CA TYR A 6 -5.75 -3.01 3.70
C TYR A 6 -6.46 -2.44 2.50
N CYS A 7 -5.94 -2.71 1.29
CA CYS A 7 -6.57 -2.20 0.10
C CYS A 7 -6.86 -3.35 -0.81
N SER A 8 -7.98 -3.27 -1.56
CA SER A 8 -8.35 -4.33 -2.47
C SER A 8 -7.31 -4.42 -3.56
N ASN A 9 -6.82 -3.24 -4.01
CA ASN A 9 -5.82 -3.23 -5.06
C ASN A 9 -4.51 -3.61 -4.42
N SER A 10 -3.75 -4.50 -5.10
CA SER A 10 -2.48 -4.93 -4.56
C SER A 10 -1.50 -3.81 -4.77
N CYS A 11 -0.59 -3.63 -3.78
CA CYS A 11 0.40 -2.58 -3.87
C CYS A 11 1.74 -3.19 -3.59
N PRO A 12 2.26 -3.92 -4.56
CA PRO A 12 3.55 -4.58 -4.40
C PRO A 12 4.71 -3.62 -4.41
N PHE A 13 4.48 -2.39 -4.90
CA PHE A 13 5.54 -1.41 -4.95
C PHE A 13 5.86 -0.93 -3.56
N CYS A 14 4.95 -1.17 -2.60
CA CYS A 14 5.17 -0.75 -1.23
C CYS A 14 6.33 -1.49 -0.61
N ASN A 15 6.48 -2.80 -0.90
CA ASN A 15 7.55 -3.54 -0.28
C ASN A 15 8.85 -3.21 -0.99
N GLY A 16 8.75 -2.40 -2.08
CA GLY A 16 9.92 -2.03 -2.83
C GLY A 16 10.81 -1.16 -1.98
N GLN A 17 10.21 -0.20 -1.23
CA GLN A 17 11.02 0.69 -0.42
C GLN A 17 10.12 1.61 0.40
N PRO A 18 9.15 2.27 -0.22
CA PRO A 18 8.26 3.20 0.49
C PRO A 18 7.53 2.61 1.67
N LEU A 19 7.25 3.46 2.68
CA LEU A 19 6.57 3.00 3.87
C LEU A 19 5.15 2.68 3.48
N TYR A 20 4.60 1.63 4.11
CA TYR A 20 3.25 1.18 3.81
C TYR A 20 2.26 2.27 4.13
N GLN A 21 2.47 3.03 5.21
CA GLN A 21 1.52 4.07 5.56
C GLN A 21 1.47 5.11 4.46
N LEU A 22 2.65 5.52 3.94
CA LEU A 22 2.69 6.54 2.93
C LEU A 22 2.17 6.04 1.60
N CYS A 23 2.50 4.79 1.20
CA CYS A 23 2.11 4.33 -0.11
C CYS A 23 0.82 3.56 -0.09
N CYS A 24 0.48 2.90 1.02
CA CYS A 24 -0.72 2.09 1.02
C CYS A 24 -1.87 2.87 1.60
N ILE A 25 -1.72 3.35 2.84
CA ILE A 25 -2.80 4.04 3.50
C ILE A 25 -3.12 5.33 2.78
N ASN A 26 -2.09 6.07 2.32
CA ASN A 26 -2.38 7.35 1.68
C ASN A 26 -2.42 7.24 0.17
N ASN A 27 -1.36 6.69 -0.48
CA ASN A 27 -1.34 6.67 -1.94
C ASN A 27 -2.27 5.62 -2.52
N CYS A 28 -2.19 4.35 -2.06
CA CYS A 28 -3.03 3.31 -2.66
C CYS A 28 -4.49 3.58 -2.42
N CYS A 29 -4.85 4.01 -1.19
CA CYS A 29 -6.25 4.24 -0.90
C CYS A 29 -6.40 5.59 -0.26
N PRO A 30 -6.42 6.62 -1.07
CA PRO A 30 -6.54 7.98 -0.58
C PRO A 30 -7.93 8.29 -0.10
N SER A 31 -8.04 9.26 0.85
CA SER A 31 -9.32 9.62 1.37
C SER A 31 -9.27 11.10 1.76
N ALA A 1 1.73 -8.80 2.73
CA ALA A 1 2.48 -8.47 1.50
C ALA A 1 1.54 -8.01 0.42
N ASP A 2 2.04 -7.09 -0.45
CA ASP A 2 1.25 -6.56 -1.54
C ASP A 2 0.15 -5.68 -1.00
N CYS A 3 0.13 -5.47 0.34
CA CYS A 3 -0.88 -4.62 0.96
C CYS A 3 -2.25 -5.16 0.66
N THR A 4 -2.43 -6.50 0.68
CA THR A 4 -3.71 -7.08 0.38
C THR A 4 -4.67 -6.81 1.51
N GLU A 5 -4.19 -6.86 2.78
CA GLU A 5 -5.05 -6.62 3.91
C GLU A 5 -5.13 -5.13 4.17
N TYR A 6 -4.12 -4.37 3.72
CA TYR A 6 -4.11 -2.94 3.96
C TYR A 6 -5.15 -2.27 3.11
N CYS A 7 -5.35 -2.75 1.86
CA CYS A 7 -6.34 -2.13 1.01
C CYS A 7 -6.72 -3.14 -0.04
N SER A 8 -7.92 -2.97 -0.64
CA SER A 8 -8.38 -3.88 -1.65
C SER A 8 -7.44 -3.86 -2.82
N ASN A 9 -6.95 -2.65 -3.18
CA ASN A 9 -6.03 -2.55 -4.30
C ASN A 9 -4.70 -3.07 -3.85
N SER A 10 -4.12 -4.02 -4.63
CA SER A 10 -2.85 -4.57 -4.27
C SER A 10 -1.78 -3.64 -4.78
N CYS A 11 -0.71 -3.46 -3.98
CA CYS A 11 0.36 -2.57 -4.37
C CYS A 11 1.66 -3.26 -4.11
N PRO A 12 2.08 -4.11 -5.02
CA PRO A 12 3.34 -4.83 -4.87
C PRO A 12 4.54 -3.93 -4.92
N PHE A 13 4.37 -2.72 -5.49
CA PHE A 13 5.46 -1.79 -5.60
C PHE A 13 5.75 -1.20 -4.23
N CYS A 14 4.77 -1.29 -3.30
CA CYS A 14 4.97 -0.74 -1.98
C CYS A 14 5.74 -1.72 -1.15
N ASN A 15 5.99 -2.94 -1.67
CA ASN A 15 6.74 -3.91 -0.91
C ASN A 15 8.18 -3.49 -0.93
N GLY A 16 8.54 -2.53 -1.81
CA GLY A 16 9.90 -2.07 -1.88
C GLY A 16 10.02 -0.81 -1.07
N GLN A 17 8.96 -0.46 -0.31
CA GLN A 17 9.01 0.75 0.48
C GLN A 17 9.06 0.33 1.93
N PRO A 18 9.73 1.13 2.73
CA PRO A 18 9.88 0.87 4.16
C PRO A 18 8.63 1.13 4.97
N LEU A 19 7.67 1.90 4.38
CA LEU A 19 6.46 2.20 5.11
C LEU A 19 5.32 2.04 4.16
N TYR A 20 4.16 1.59 4.69
CA TYR A 20 3.00 1.38 3.84
C TYR A 20 1.97 2.42 4.20
N GLN A 21 2.25 3.27 5.22
CA GLN A 21 1.29 4.26 5.63
C GLN A 21 1.08 5.28 4.55
N LEU A 22 2.16 5.74 3.90
CA LEU A 22 2.01 6.74 2.87
C LEU A 22 2.04 6.08 1.53
N CYS A 23 2.33 4.76 1.49
CA CYS A 23 2.42 4.08 0.22
C CYS A 23 1.10 3.41 -0.09
N CYS A 24 0.53 2.64 0.86
CA CYS A 24 -0.69 1.93 0.57
C CYS A 24 -1.88 2.61 1.16
N ILE A 25 -1.79 3.02 2.44
CA ILE A 25 -2.91 3.63 3.09
C ILE A 25 -3.21 4.96 2.45
N ASN A 26 -2.17 5.77 2.13
CA ASN A 26 -2.42 7.08 1.56
C ASN A 26 -2.36 7.06 0.05
N ASN A 27 -1.17 6.78 -0.54
CA ASN A 27 -1.02 6.85 -1.99
C ASN A 27 -1.88 5.86 -2.73
N CYS A 28 -1.85 4.56 -2.35
CA CYS A 28 -2.63 3.57 -3.09
C CYS A 28 -4.11 3.80 -2.94
N CYS A 29 -4.58 4.12 -1.72
CA CYS A 29 -6.00 4.30 -1.52
C CYS A 29 -6.25 5.60 -0.81
N PRO A 30 -6.20 6.69 -1.53
CA PRO A 30 -6.40 8.01 -0.95
C PRO A 30 -7.84 8.25 -0.56
N SER A 31 -8.05 9.10 0.47
CA SER A 31 -9.39 9.39 0.90
C SER A 31 -9.39 10.78 1.53
N ALA A 1 2.72 -6.95 2.27
CA ALA A 1 3.74 -6.72 1.20
C ALA A 1 3.09 -6.14 -0.02
N ASP A 2 2.12 -6.89 -0.59
CA ASP A 2 1.42 -6.43 -1.77
C ASP A 2 0.16 -5.75 -1.32
N CYS A 3 0.17 -5.21 -0.07
CA CYS A 3 -0.99 -4.54 0.50
C CYS A 3 -2.06 -5.56 0.76
N THR A 4 -1.65 -6.73 1.29
CA THR A 4 -2.60 -7.77 1.60
C THR A 4 -3.23 -7.41 2.91
N GLU A 5 -4.58 -7.33 2.92
CA GLU A 5 -5.32 -6.99 4.12
C GLU A 5 -5.01 -5.56 4.51
N TYR A 6 -4.63 -4.72 3.53
CA TYR A 6 -4.35 -3.33 3.82
C TYR A 6 -5.30 -2.50 3.01
N CYS A 7 -5.52 -2.88 1.74
CA CYS A 7 -6.43 -2.14 0.91
C CYS A 7 -6.81 -3.03 -0.22
N SER A 8 -7.97 -2.76 -0.85
CA SER A 8 -8.44 -3.58 -1.95
C SER A 8 -7.46 -3.48 -3.09
N ASN A 9 -6.90 -2.28 -3.33
CA ASN A 9 -5.97 -2.11 -4.41
C ASN A 9 -4.66 -2.72 -4.00
N SER A 10 -4.22 -3.76 -4.75
CA SER A 10 -2.98 -4.43 -4.44
C SER A 10 -1.86 -3.60 -5.02
N CYS A 11 -0.76 -3.45 -4.25
CA CYS A 11 0.36 -2.66 -4.71
C CYS A 11 1.61 -3.46 -4.51
N PRO A 12 2.01 -4.19 -5.52
CA PRO A 12 3.22 -5.00 -5.44
C PRO A 12 4.47 -4.17 -5.34
N PHE A 13 4.37 -2.88 -5.72
CA PHE A 13 5.50 -1.99 -5.67
C PHE A 13 5.60 -1.42 -4.28
N CYS A 14 4.57 -1.64 -3.45
CA CYS A 14 4.56 -1.08 -2.11
C CYS A 14 5.59 -1.73 -1.24
N ASN A 15 5.82 -3.05 -1.40
CA ASN A 15 6.79 -3.72 -0.55
C ASN A 15 8.18 -3.22 -0.84
N GLY A 16 8.35 -2.46 -1.94
CA GLY A 16 9.65 -1.93 -2.27
C GLY A 16 9.72 -0.51 -1.76
N GLN A 17 8.65 -0.04 -1.10
CA GLN A 17 8.62 1.32 -0.59
C GLN A 17 8.27 1.27 0.87
N PRO A 18 9.24 1.55 1.73
CA PRO A 18 9.02 1.55 3.17
C PRO A 18 7.96 2.51 3.62
N LEU A 19 7.32 2.20 4.79
CA LEU A 19 6.27 3.02 5.35
C LEU A 19 4.99 2.67 4.63
N TYR A 20 4.31 1.61 5.12
CA TYR A 20 3.08 1.15 4.51
C TYR A 20 1.97 2.15 4.78
N GLN A 21 2.08 2.93 5.88
CA GLN A 21 1.05 3.88 6.21
C GLN A 21 0.94 4.92 5.11
N LEU A 22 2.08 5.37 4.57
CA LEU A 22 2.02 6.37 3.52
C LEU A 22 1.99 5.67 2.19
N CYS A 23 2.75 4.57 2.08
CA CYS A 23 2.84 3.83 0.83
C CYS A 23 1.51 3.23 0.42
N CYS A 24 0.82 2.52 1.33
CA CYS A 24 -0.39 1.83 0.93
C CYS A 24 -1.63 2.59 1.35
N ILE A 25 -1.76 2.91 2.64
CA ILE A 25 -2.97 3.55 3.10
C ILE A 25 -3.14 4.89 2.45
N ASN A 26 -2.06 5.71 2.34
CA ASN A 26 -2.22 7.03 1.77
C ASN A 26 -2.05 7.03 0.26
N ASN A 27 -0.89 6.57 -0.25
CA ASN A 27 -0.63 6.65 -1.67
C ASN A 27 -1.47 5.67 -2.48
N CYS A 28 -1.50 4.37 -2.10
CA CYS A 28 -2.26 3.41 -2.90
C CYS A 28 -3.73 3.70 -2.86
N CYS A 29 -4.28 4.08 -1.68
CA CYS A 29 -5.71 4.31 -1.60
C CYS A 29 -5.95 5.64 -0.95
N PRO A 30 -5.79 6.70 -1.71
CA PRO A 30 -6.00 8.05 -1.20
C PRO A 30 -7.44 8.37 -1.00
N SER A 31 -7.74 9.31 -0.07
CA SER A 31 -9.11 9.68 0.18
C SER A 31 -9.11 11.12 0.70
N ALA A 1 2.42 -8.30 3.04
CA ALA A 1 2.86 -8.27 1.62
C ALA A 1 1.76 -7.79 0.73
N ASP A 2 2.05 -6.72 -0.06
CA ASP A 2 1.08 -6.15 -0.98
C ASP A 2 -0.02 -5.48 -0.19
N CYS A 3 0.14 -5.38 1.15
CA CYS A 3 -0.88 -4.75 1.99
C CYS A 3 -2.19 -5.43 1.76
N THR A 4 -2.23 -6.77 1.92
CA THR A 4 -3.46 -7.49 1.72
C THR A 4 -4.34 -7.25 2.92
N GLU A 5 -5.67 -7.52 2.74
CA GLU A 5 -6.64 -7.33 3.81
C GLU A 5 -6.71 -5.86 4.14
N TYR A 6 -6.65 -5.00 3.10
CA TYR A 6 -6.75 -3.57 3.32
C TYR A 6 -7.59 -3.02 2.22
N CYS A 7 -7.07 -3.06 0.97
CA CYS A 7 -7.81 -2.55 -0.15
C CYS A 7 -7.80 -3.61 -1.21
N SER A 8 -8.80 -3.58 -2.11
CA SER A 8 -8.87 -4.56 -3.17
C SER A 8 -7.85 -4.22 -4.22
N ASN A 9 -7.30 -2.98 -4.15
CA ASN A 9 -6.32 -2.57 -5.12
C ASN A 9 -4.98 -3.01 -4.60
N SER A 10 -4.37 -4.02 -5.25
CA SER A 10 -3.09 -4.51 -4.82
C SER A 10 -2.05 -3.58 -5.36
N CYS A 11 -0.98 -3.33 -4.56
CA CYS A 11 0.07 -2.45 -5.00
C CYS A 11 1.37 -3.05 -4.57
N PRO A 12 1.88 -3.99 -5.35
CA PRO A 12 3.13 -4.67 -5.05
C PRO A 12 4.34 -3.78 -5.07
N PHE A 13 4.24 -2.62 -5.77
CA PHE A 13 5.33 -1.69 -5.84
C PHE A 13 5.52 -1.07 -4.49
N CYS A 14 4.48 -1.16 -3.63
CA CYS A 14 4.54 -0.60 -2.31
C CYS A 14 5.46 -1.41 -1.45
N ASN A 15 5.68 -2.70 -1.81
CA ASN A 15 6.53 -3.55 -1.00
C ASN A 15 7.96 -3.08 -1.10
N GLY A 16 8.26 -2.21 -2.09
CA GLY A 16 9.61 -1.72 -2.25
C GLY A 16 9.79 -0.50 -1.39
N GLN A 17 8.73 -0.05 -0.68
CA GLN A 17 8.85 1.12 0.15
C GLN A 17 8.63 0.68 1.59
N PRO A 18 9.65 0.84 2.41
CA PRO A 18 9.58 0.46 3.83
C PRO A 18 8.47 1.13 4.58
N LEU A 19 8.18 2.42 4.26
CA LEU A 19 7.14 3.12 4.96
C LEU A 19 5.85 2.84 4.24
N TYR A 20 4.90 2.18 4.92
CA TYR A 20 3.64 1.84 4.30
C TYR A 20 2.59 2.83 4.71
N GLN A 21 2.92 3.78 5.62
CA GLN A 21 1.93 4.74 6.06
C GLN A 21 1.60 5.69 4.94
N LEU A 22 2.63 6.18 4.21
CA LEU A 22 2.36 7.12 3.15
C LEU A 22 2.36 6.39 1.84
N CYS A 23 2.70 5.09 1.87
CA CYS A 23 2.74 4.34 0.64
C CYS A 23 1.49 3.53 0.48
N CYS A 24 1.01 2.85 1.55
CA CYS A 24 -0.17 2.03 1.41
C CYS A 24 -1.39 2.74 1.90
N ILE A 25 -1.34 3.30 3.13
CA ILE A 25 -2.50 3.95 3.68
C ILE A 25 -2.81 5.18 2.87
N ASN A 26 -1.79 5.96 2.46
CA ASN A 26 -2.07 7.18 1.73
C ASN A 26 -2.04 6.96 0.22
N ASN A 27 -0.85 6.71 -0.36
CA ASN A 27 -0.72 6.61 -1.81
C ASN A 27 -1.51 5.45 -2.40
N CYS A 28 -1.36 4.23 -1.84
CA CYS A 28 -2.05 3.07 -2.41
C CYS A 28 -3.54 3.21 -2.26
N CYS A 29 -4.02 3.70 -1.10
CA CYS A 29 -5.44 3.80 -0.90
C CYS A 29 -5.78 5.21 -0.51
N PRO A 30 -5.85 6.09 -1.49
CA PRO A 30 -6.15 7.49 -1.25
C PRO A 30 -7.58 7.72 -0.88
N SER A 31 -7.84 8.80 -0.11
CA SER A 31 -9.20 9.10 0.29
C SER A 31 -9.31 10.61 0.42
N ALA A 1 -0.04 -8.94 2.54
CA ALA A 1 1.02 -8.31 1.69
C ALA A 1 0.42 -7.72 0.45
N ASP A 2 1.19 -6.81 -0.22
CA ASP A 2 0.75 -6.17 -1.44
C ASP A 2 -0.49 -5.35 -1.15
N CYS A 3 -0.68 -4.94 0.13
CA CYS A 3 -1.83 -4.13 0.51
C CYS A 3 -3.10 -4.81 0.11
N THR A 4 -3.16 -6.16 0.23
CA THR A 4 -4.35 -6.88 -0.14
C THR A 4 -5.41 -6.64 0.91
N GLU A 5 -4.99 -6.21 2.12
CA GLU A 5 -5.91 -5.96 3.19
C GLU A 5 -6.73 -4.72 2.89
N TYR A 6 -6.11 -3.68 2.31
CA TYR A 6 -6.83 -2.44 2.06
C TYR A 6 -7.33 -2.39 0.64
N CYS A 7 -6.55 -2.92 -0.33
CA CYS A 7 -6.98 -2.89 -1.71
C CYS A 7 -7.02 -4.31 -2.19
N SER A 8 -7.81 -4.57 -3.27
CA SER A 8 -7.93 -5.93 -3.76
C SER A 8 -6.58 -6.43 -4.22
N ASN A 9 -5.84 -5.61 -4.99
CA ASN A 9 -4.55 -6.04 -5.46
C ASN A 9 -4.00 -4.94 -6.33
N SER A 10 -2.90 -5.27 -7.06
CA SER A 10 -2.27 -4.32 -7.96
C SER A 10 -1.48 -3.33 -7.16
N CYS A 11 -0.70 -3.81 -6.17
CA CYS A 11 0.10 -2.90 -5.38
C CYS A 11 1.31 -3.65 -4.90
N PRO A 12 2.16 -4.07 -5.83
CA PRO A 12 3.36 -4.82 -5.49
C PRO A 12 4.57 -3.96 -5.25
N PHE A 13 4.50 -2.67 -5.61
CA PHE A 13 5.63 -1.79 -5.45
C PHE A 13 5.63 -1.22 -4.06
N CYS A 14 4.53 -1.43 -3.30
CA CYS A 14 4.43 -0.87 -1.98
C CYS A 14 5.37 -1.57 -1.04
N ASN A 15 5.64 -2.88 -1.26
CA ASN A 15 6.51 -3.59 -0.35
C ASN A 15 7.94 -3.14 -0.56
N GLY A 16 8.18 -2.30 -1.59
CA GLY A 16 9.51 -1.81 -1.84
C GLY A 16 9.65 -0.46 -1.21
N GLN A 17 8.59 0.00 -0.50
CA GLN A 17 8.63 1.31 0.13
C GLN A 17 8.74 1.09 1.62
N PRO A 18 9.79 1.65 2.22
CA PRO A 18 10.02 1.52 3.67
C PRO A 18 8.87 2.03 4.51
N LEU A 19 8.22 3.12 4.06
CA LEU A 19 7.12 3.67 4.83
C LEU A 19 5.85 3.11 4.25
N TYR A 20 5.00 2.53 5.13
CA TYR A 20 3.76 1.95 4.67
C TYR A 20 2.64 2.94 4.90
N GLN A 21 2.84 3.91 5.81
CA GLN A 21 1.80 4.88 6.08
C GLN A 21 1.61 5.77 4.87
N LEU A 22 2.71 6.19 4.23
CA LEU A 22 2.59 7.08 3.09
C LEU A 22 2.46 6.25 1.85
N CYS A 23 2.69 4.92 1.95
CA CYS A 23 2.63 4.09 0.78
C CYS A 23 1.32 3.35 0.75
N CYS A 24 1.13 2.40 1.68
CA CYS A 24 -0.07 1.58 1.64
C CYS A 24 -1.29 2.37 1.99
N ILE A 25 -1.25 3.11 3.11
CA ILE A 25 -2.41 3.83 3.56
C ILE A 25 -2.72 5.00 2.67
N ASN A 26 -1.71 5.76 2.21
CA ASN A 26 -2.00 6.94 1.42
C ASN A 26 -2.00 6.69 -0.07
N ASN A 27 -0.80 6.61 -0.70
CA ASN A 27 -0.72 6.50 -2.15
C ASN A 27 -1.34 5.23 -2.71
N CYS A 28 -1.10 4.07 -2.08
CA CYS A 28 -1.61 2.83 -2.62
C CYS A 28 -3.11 2.77 -2.53
N CYS A 29 -3.69 3.05 -1.34
CA CYS A 29 -5.13 2.96 -1.21
C CYS A 29 -5.64 4.23 -0.61
N PRO A 30 -5.76 5.25 -1.43
CA PRO A 30 -6.24 6.55 -0.98
C PRO A 30 -7.71 6.55 -0.68
N SER A 31 -8.14 7.43 0.24
CA SER A 31 -9.53 7.50 0.59
C SER A 31 -9.82 8.92 1.09
N ALA A 1 1.04 -7.87 3.07
CA ALA A 1 2.15 -7.66 2.11
C ALA A 1 1.84 -6.52 1.17
N ASP A 2 1.48 -6.85 -0.10
CA ASP A 2 1.17 -5.83 -1.07
C ASP A 2 -0.22 -5.28 -0.80
N CYS A 3 -0.43 -4.76 0.43
CA CYS A 3 -1.70 -4.18 0.81
C CYS A 3 -2.74 -5.28 0.86
N THR A 4 -2.33 -6.53 1.10
CA THR A 4 -3.27 -7.62 1.16
C THR A 4 -3.98 -7.55 2.47
N GLU A 5 -5.33 -7.50 2.43
CA GLU A 5 -6.14 -7.43 3.63
C GLU A 5 -6.14 -6.03 4.16
N TYR A 6 -5.39 -5.11 3.51
CA TYR A 6 -5.34 -3.74 3.97
C TYR A 6 -6.15 -2.90 3.01
N CYS A 7 -6.24 -3.32 1.74
CA CYS A 7 -6.97 -2.55 0.77
C CYS A 7 -7.29 -3.47 -0.36
N SER A 8 -8.44 -3.21 -1.05
CA SER A 8 -8.84 -4.04 -2.16
C SER A 8 -7.82 -3.90 -3.25
N ASN A 9 -7.31 -2.66 -3.47
CA ASN A 9 -6.32 -2.43 -4.49
C ASN A 9 -5.01 -2.96 -3.97
N SER A 10 -4.22 -3.58 -4.87
CA SER A 10 -2.94 -4.12 -4.46
C SER A 10 -1.87 -3.25 -5.05
N CYS A 11 -0.84 -2.94 -4.25
CA CYS A 11 0.26 -2.12 -4.71
C CYS A 11 1.53 -2.80 -4.29
N PRO A 12 2.00 -3.72 -5.10
CA PRO A 12 3.22 -4.47 -4.80
C PRO A 12 4.46 -3.63 -4.81
N PHE A 13 4.40 -2.45 -5.44
CA PHE A 13 5.55 -1.58 -5.49
C PHE A 13 5.77 -0.98 -4.12
N CYS A 14 4.76 -1.10 -3.23
CA CYS A 14 4.89 -0.54 -1.90
C CYS A 14 5.64 -1.50 -1.04
N ASN A 15 5.97 -2.70 -1.57
CA ASN A 15 6.70 -3.66 -0.78
C ASN A 15 8.16 -3.40 -1.03
N GLY A 16 8.47 -2.40 -1.88
CA GLY A 16 9.84 -2.06 -2.16
C GLY A 16 10.18 -0.84 -1.35
N GLN A 17 9.24 -0.38 -0.49
CA GLN A 17 9.49 0.78 0.32
C GLN A 17 9.04 0.45 1.72
N PRO A 18 9.70 1.03 2.69
CA PRO A 18 9.38 0.81 4.08
C PRO A 18 8.25 1.67 4.58
N LEU A 19 7.84 2.68 3.78
CA LEU A 19 6.78 3.56 4.20
C LEU A 19 5.47 3.00 3.71
N TYR A 20 4.95 1.98 4.44
CA TYR A 20 3.69 1.38 4.07
C TYR A 20 2.57 2.35 4.35
N GLN A 21 2.72 3.18 5.40
CA GLN A 21 1.67 4.11 5.74
C GLN A 21 1.49 5.12 4.64
N LEU A 22 2.59 5.60 4.03
CA LEU A 22 2.46 6.58 2.99
C LEU A 22 2.23 5.92 1.67
N CYS A 23 2.95 4.83 1.38
CA CYS A 23 2.82 4.18 0.09
C CYS A 23 1.52 3.42 -0.02
N CYS A 24 1.12 2.66 1.02
CA CYS A 24 -0.07 1.83 0.88
C CYS A 24 -1.30 2.50 1.41
N ILE A 25 -1.28 2.92 2.69
CA ILE A 25 -2.47 3.50 3.28
C ILE A 25 -2.85 4.78 2.59
N ASN A 26 -1.88 5.64 2.24
CA ASN A 26 -2.25 6.91 1.63
C ASN A 26 -2.17 6.87 0.12
N ASN A 27 -0.96 6.66 -0.45
CA ASN A 27 -0.80 6.71 -1.90
C ASN A 27 -1.55 5.61 -2.62
N CYS A 28 -1.45 4.35 -2.16
CA CYS A 28 -2.11 3.25 -2.86
C CYS A 28 -3.60 3.42 -2.81
N CYS A 29 -4.17 3.70 -1.62
CA CYS A 29 -5.60 3.84 -1.51
C CYS A 29 -5.92 5.12 -0.80
N PRO A 30 -5.91 6.21 -1.53
CA PRO A 30 -6.21 7.51 -0.96
C PRO A 30 -7.66 7.70 -0.62
N SER A 31 -7.95 8.54 0.38
CA SER A 31 -9.32 8.77 0.76
C SER A 31 -9.40 10.18 1.35
N ALA A 1 2.73 -9.59 1.61
CA ALA A 1 2.51 -8.12 1.56
C ALA A 1 1.66 -7.77 0.35
N ASP A 2 2.13 -6.77 -0.45
CA ASP A 2 1.43 -6.34 -1.64
C ASP A 2 0.11 -5.71 -1.23
N CYS A 3 -0.04 -5.36 0.07
CA CYS A 3 -1.26 -4.73 0.56
C CYS A 3 -2.43 -5.63 0.29
N THR A 4 -2.31 -6.94 0.63
CA THR A 4 -3.40 -7.85 0.41
C THR A 4 -4.51 -7.56 1.37
N GLU A 5 -4.17 -7.16 2.62
CA GLU A 5 -5.19 -6.88 3.61
C GLU A 5 -5.13 -5.43 3.98
N TYR A 6 -4.04 -4.72 3.60
CA TYR A 6 -3.91 -3.32 3.93
C TYR A 6 -4.89 -2.52 3.13
N CYS A 7 -5.19 -2.95 1.88
CA CYS A 7 -6.12 -2.22 1.07
C CYS A 7 -6.77 -3.21 0.15
N SER A 8 -8.04 -2.94 -0.24
CA SER A 8 -8.74 -3.84 -1.13
C SER A 8 -8.05 -3.86 -2.47
N ASN A 9 -7.30 -2.77 -2.79
CA ASN A 9 -6.60 -2.72 -4.04
C ASN A 9 -5.21 -3.24 -3.79
N SER A 10 -4.73 -4.15 -4.66
CA SER A 10 -3.41 -4.69 -4.48
C SER A 10 -2.42 -3.62 -4.85
N CYS A 11 -1.32 -3.53 -4.08
CA CYS A 11 -0.32 -2.51 -4.34
C CYS A 11 1.01 -3.21 -4.33
N PRO A 12 1.34 -3.87 -5.42
CA PRO A 12 2.59 -4.61 -5.53
C PRO A 12 3.77 -3.74 -5.84
N PHE A 13 3.99 -2.70 -5.03
CA PHE A 13 5.11 -1.82 -5.25
C PHE A 13 5.47 -1.19 -3.94
N CYS A 14 4.56 -1.25 -2.94
CA CYS A 14 4.84 -0.67 -1.64
C CYS A 14 5.64 -1.64 -0.85
N ASN A 15 5.93 -2.82 -1.42
CA ASN A 15 6.70 -3.80 -0.70
C ASN A 15 8.16 -3.37 -0.75
N GLY A 16 8.47 -2.37 -1.60
CA GLY A 16 9.84 -1.90 -1.70
C GLY A 16 9.96 -0.63 -0.91
N GLN A 17 8.87 -0.21 -0.23
CA GLN A 17 8.92 1.01 0.54
C GLN A 17 8.51 0.69 1.96
N PRO A 18 9.39 0.94 2.90
CA PRO A 18 9.11 0.69 4.31
C PRO A 18 7.91 1.42 4.84
N LEU A 19 7.64 2.61 4.27
CA LEU A 19 6.51 3.40 4.74
C LEU A 19 5.27 2.87 4.07
N TYR A 20 4.68 1.81 4.65
CA TYR A 20 3.48 1.23 4.09
C TYR A 20 2.33 2.16 4.31
N GLN A 21 2.32 2.92 5.42
CA GLN A 21 1.22 3.82 5.68
C GLN A 21 1.16 4.89 4.62
N LEU A 22 2.30 5.52 4.30
CA LEU A 22 2.26 6.58 3.31
C LEU A 22 2.12 5.99 1.93
N CYS A 23 2.84 4.90 1.63
CA CYS A 23 2.80 4.30 0.32
C CYS A 23 1.49 3.63 0.04
N CYS A 24 0.99 2.81 0.98
CA CYS A 24 -0.20 2.04 0.73
C CYS A 24 -1.45 2.74 1.18
N ILE A 25 -1.52 3.12 2.47
CA ILE A 25 -2.73 3.71 3.00
C ILE A 25 -3.02 5.06 2.37
N ASN A 26 -1.99 5.90 2.13
CA ASN A 26 -2.26 7.22 1.60
C ASN A 26 -2.09 7.29 0.10
N ASN A 27 -0.89 6.98 -0.41
CA ASN A 27 -0.63 7.13 -1.84
C ASN A 27 -1.34 6.09 -2.67
N CYS A 28 -1.27 4.79 -2.28
CA CYS A 28 -1.89 3.75 -3.09
C CYS A 28 -3.39 3.83 -3.03
N CYS A 29 -3.96 4.07 -1.83
CA CYS A 29 -5.41 4.11 -1.72
C CYS A 29 -5.81 5.40 -1.06
N PRO A 30 -5.79 6.47 -1.81
CA PRO A 30 -6.16 7.77 -1.30
C PRO A 30 -7.63 7.91 -1.05
N SER A 31 -8.00 8.78 -0.09
CA SER A 31 -9.39 8.98 0.22
C SER A 31 -9.56 10.40 0.78
N ALA A 1 3.22 -7.11 2.72
CA ALA A 1 4.11 -6.80 1.56
C ALA A 1 3.32 -6.16 0.45
N ASP A 2 2.34 -6.91 -0.09
CA ASP A 2 1.52 -6.39 -1.16
C ASP A 2 0.41 -5.57 -0.55
N CYS A 3 0.33 -5.58 0.81
CA CYS A 3 -0.71 -4.84 1.51
C CYS A 3 -2.04 -5.44 1.19
N THR A 4 -2.21 -6.75 1.48
CA THR A 4 -3.46 -7.40 1.22
C THR A 4 -4.36 -7.16 2.41
N GLU A 5 -5.69 -7.34 2.20
CA GLU A 5 -6.66 -7.14 3.26
C GLU A 5 -6.63 -5.70 3.70
N TYR A 6 -6.42 -4.77 2.74
CA TYR A 6 -6.39 -3.37 3.06
C TYR A 6 -7.03 -2.64 1.92
N CYS A 7 -6.46 -2.81 0.71
CA CYS A 7 -6.99 -2.16 -0.46
C CYS A 7 -7.38 -3.25 -1.42
N SER A 8 -8.43 -3.00 -2.24
CA SER A 8 -8.88 -3.98 -3.20
C SER A 8 -7.76 -4.24 -4.18
N ASN A 9 -7.09 -3.17 -4.64
CA ASN A 9 -6.01 -3.35 -5.57
C ASN A 9 -4.77 -3.59 -4.78
N SER A 10 -3.99 -4.63 -5.17
CA SER A 10 -2.78 -4.94 -4.45
C SER A 10 -1.76 -3.88 -4.77
N CYS A 11 -0.77 -3.71 -3.87
CA CYS A 11 0.24 -2.70 -4.10
C CYS A 11 1.58 -3.33 -3.88
N PRO A 12 2.07 -4.04 -4.88
CA PRO A 12 3.36 -4.71 -4.79
C PRO A 12 4.52 -3.75 -4.76
N PHE A 13 4.26 -2.49 -5.14
CA PHE A 13 5.31 -1.50 -5.15
C PHE A 13 5.54 -0.98 -3.75
N CYS A 14 4.58 -1.24 -2.83
CA CYS A 14 4.71 -0.78 -1.46
C CYS A 14 5.83 -1.50 -0.76
N ASN A 15 6.01 -2.81 -1.04
CA ASN A 15 7.06 -3.55 -0.37
C ASN A 15 8.41 -3.12 -0.91
N GLY A 16 8.41 -2.23 -1.93
CA GLY A 16 9.65 -1.74 -2.48
C GLY A 16 10.01 -0.49 -1.74
N GLN A 17 9.18 -0.11 -0.73
CA GLN A 17 9.45 1.08 0.04
C GLN A 17 9.38 0.68 1.49
N PRO A 18 10.14 1.36 2.32
CA PRO A 18 10.17 1.07 3.74
C PRO A 18 8.96 1.53 4.51
N LEU A 19 8.17 2.47 3.93
CA LEU A 19 7.01 2.97 4.63
C LEU A 19 5.78 2.54 3.88
N TYR A 20 4.78 2.03 4.63
CA TYR A 20 3.54 1.59 4.02
C TYR A 20 2.49 2.63 4.31
N GLN A 21 2.78 3.56 5.25
CA GLN A 21 1.81 4.58 5.60
C GLN A 21 1.64 5.52 4.46
N LEU A 22 2.73 5.88 3.77
CA LEU A 22 2.63 6.83 2.68
C LEU A 22 2.35 6.07 1.41
N CYS A 23 2.52 4.73 1.42
CA CYS A 23 2.31 3.97 0.23
C CYS A 23 0.91 3.40 0.21
N CYS A 24 0.66 2.39 1.05
CA CYS A 24 -0.62 1.72 1.06
C CYS A 24 -1.71 2.59 1.63
N ILE A 25 -1.48 3.17 2.81
CA ILE A 25 -2.52 3.96 3.44
C ILE A 25 -2.78 5.23 2.68
N ASN A 26 -1.73 5.93 2.19
CA ASN A 26 -1.97 7.19 1.53
C ASN A 26 -2.17 7.01 0.03
N ASN A 27 -1.10 6.68 -0.72
CA ASN A 27 -1.21 6.61 -2.18
C ASN A 27 -2.14 5.52 -2.67
N CYS A 28 -2.10 4.29 -2.11
CA CYS A 28 -2.94 3.24 -2.64
C CYS A 28 -4.40 3.51 -2.36
N CYS A 29 -4.74 3.96 -1.13
CA CYS A 29 -6.12 4.21 -0.82
C CYS A 29 -6.25 5.54 -0.13
N PRO A 30 -6.22 6.60 -0.90
CA PRO A 30 -6.34 7.94 -0.36
C PRO A 30 -7.74 8.27 0.09
N SER A 31 -7.86 9.23 1.03
CA SER A 31 -9.17 9.60 1.51
C SER A 31 -9.76 10.65 0.54
N ALA A 1 2.16 -9.34 2.38
CA ALA A 1 2.02 -7.88 2.13
C ALA A 1 1.34 -7.63 0.81
N ASP A 2 1.91 -6.72 -0.02
CA ASP A 2 1.35 -6.39 -1.31
C ASP A 2 -0.01 -5.76 -1.13
N CYS A 3 -0.31 -5.26 0.10
CA CYS A 3 -1.59 -4.63 0.37
C CYS A 3 -2.70 -5.61 0.11
N THR A 4 -2.51 -6.88 0.51
CA THR A 4 -3.54 -7.87 0.29
C THR A 4 -4.69 -7.63 1.23
N GLU A 5 -4.39 -7.21 2.49
CA GLU A 5 -5.46 -6.97 3.45
C GLU A 5 -5.45 -5.51 3.84
N TYR A 6 -4.38 -4.77 3.47
CA TYR A 6 -4.31 -3.37 3.84
C TYR A 6 -5.32 -2.59 3.03
N CYS A 7 -5.56 -2.99 1.77
CA CYS A 7 -6.51 -2.27 0.96
C CYS A 7 -6.98 -3.22 -0.10
N SER A 8 -8.11 -2.89 -0.76
CA SER A 8 -8.66 -3.75 -1.78
C SER A 8 -7.75 -3.72 -3.00
N ASN A 9 -6.93 -2.65 -3.14
CA ASN A 9 -6.05 -2.57 -4.29
C ASN A 9 -4.72 -3.15 -3.88
N SER A 10 -4.22 -4.08 -4.71
CA SER A 10 -2.95 -4.72 -4.42
C SER A 10 -1.86 -3.82 -4.94
N CYS A 11 -0.78 -3.67 -4.15
CA CYS A 11 0.32 -2.82 -4.55
C CYS A 11 1.60 -3.56 -4.32
N PRO A 12 2.04 -4.31 -5.31
CA PRO A 12 3.27 -5.07 -5.20
C PRO A 12 4.48 -4.19 -5.15
N PHE A 13 4.32 -2.93 -5.60
CA PHE A 13 5.42 -1.98 -5.60
C PHE A 13 5.53 -1.36 -4.23
N CYS A 14 4.52 -1.60 -3.36
CA CYS A 14 4.51 -1.00 -2.05
C CYS A 14 5.55 -1.64 -1.17
N ASN A 15 5.89 -2.93 -1.41
CA ASN A 15 6.86 -3.58 -0.56
C ASN A 15 8.24 -3.06 -0.88
N GLY A 16 8.34 -2.13 -1.86
CA GLY A 16 9.63 -1.57 -2.20
C GLY A 16 9.87 -0.36 -1.35
N GLN A 17 8.89 -0.02 -0.47
CA GLN A 17 9.04 1.13 0.39
C GLN A 17 8.74 0.68 1.79
N PRO A 18 9.42 1.27 2.76
CA PRO A 18 9.22 0.93 4.16
C PRO A 18 8.07 1.67 4.80
N LEU A 19 7.60 2.75 4.16
CA LEU A 19 6.52 3.53 4.73
C LEU A 19 5.24 3.06 4.11
N TYR A 20 4.59 2.05 4.74
CA TYR A 20 3.34 1.53 4.24
C TYR A 20 2.25 2.53 4.47
N GLN A 21 2.38 3.36 5.52
CA GLN A 21 1.34 4.34 5.83
C GLN A 21 1.25 5.36 4.73
N LEU A 22 2.39 5.81 4.19
CA LEU A 22 2.34 6.82 3.15
C LEU A 22 2.28 6.16 1.80
N CYS A 23 2.47 4.83 1.77
CA CYS A 23 2.47 4.13 0.51
C CYS A 23 1.14 3.48 0.28
N CYS A 24 0.82 2.45 1.07
CA CYS A 24 -0.42 1.70 0.86
C CYS A 24 -1.60 2.49 1.33
N ILE A 25 -1.57 3.00 2.57
CA ILE A 25 -2.70 3.69 3.12
C ILE A 25 -2.92 5.01 2.40
N ASN A 26 -1.84 5.75 2.08
CA ASN A 26 -2.04 7.04 1.44
C ASN A 26 -2.02 6.94 -0.06
N ASN A 27 -0.85 6.65 -0.68
CA ASN A 27 -0.75 6.65 -2.13
C ASN A 27 -1.61 5.60 -2.81
N CYS A 28 -1.63 4.35 -2.31
CA CYS A 28 -2.41 3.32 -2.99
C CYS A 28 -3.89 3.59 -2.87
N CYS A 29 -4.36 3.98 -1.66
CA CYS A 29 -5.78 4.22 -1.50
C CYS A 29 -5.99 5.54 -0.82
N PRO A 30 -5.92 6.61 -1.58
CA PRO A 30 -6.11 7.96 -1.04
C PRO A 30 -7.44 8.15 -0.40
N SER A 31 -7.48 8.90 0.72
CA SER A 31 -8.72 9.14 1.40
C SER A 31 -8.60 10.48 2.13
N ALA A 1 1.95 -9.43 2.23
CA ALA A 1 2.77 -8.59 1.33
C ALA A 1 1.91 -7.89 0.31
N ASP A 2 2.52 -6.91 -0.41
CA ASP A 2 1.83 -6.15 -1.43
C ASP A 2 0.96 -5.13 -0.77
N CYS A 3 -0.09 -5.60 -0.06
CA CYS A 3 -1.00 -4.70 0.61
C CYS A 3 -2.04 -5.54 1.27
N THR A 4 -1.65 -6.31 2.30
CA THR A 4 -2.60 -7.15 2.98
C THR A 4 -2.93 -6.49 4.29
N GLU A 5 -4.24 -6.51 4.65
CA GLU A 5 -4.71 -5.91 5.88
C GLU A 5 -4.40 -4.44 5.86
N TYR A 6 -4.51 -3.81 4.67
CA TYR A 6 -4.24 -2.39 4.57
C TYR A 6 -5.27 -1.78 3.66
N CYS A 7 -5.39 -2.32 2.42
CA CYS A 7 -6.35 -1.78 1.50
C CYS A 7 -6.65 -2.86 0.50
N SER A 8 -7.84 -2.77 -0.12
CA SER A 8 -8.25 -3.76 -1.11
C SER A 8 -7.32 -3.72 -2.28
N ASN A 9 -6.89 -2.50 -2.70
CA ASN A 9 -6.00 -2.38 -3.84
C ASN A 9 -4.68 -3.02 -3.48
N SER A 10 -4.11 -3.78 -4.44
CA SER A 10 -2.86 -4.45 -4.20
C SER A 10 -1.79 -3.68 -4.91
N CYS A 11 -0.71 -3.34 -4.18
CA CYS A 11 0.37 -2.58 -4.78
C CYS A 11 1.63 -3.38 -4.58
N PRO A 12 2.10 -4.05 -5.61
CA PRO A 12 3.32 -4.85 -5.50
C PRO A 12 4.54 -4.03 -5.28
N PHE A 13 4.47 -2.73 -5.66
CA PHE A 13 5.59 -1.83 -5.50
C PHE A 13 5.65 -1.38 -4.08
N CYS A 14 4.61 -1.72 -3.27
CA CYS A 14 4.57 -1.28 -1.89
C CYS A 14 5.59 -2.02 -1.09
N ASN A 15 6.00 -3.22 -1.54
CA ASN A 15 6.96 -4.00 -0.79
C ASN A 15 8.29 -3.28 -0.81
N GLY A 16 8.50 -2.39 -1.81
CA GLY A 16 9.75 -1.67 -1.90
C GLY A 16 9.63 -0.38 -1.13
N GLN A 17 8.47 -0.14 -0.47
CA GLN A 17 8.28 1.07 0.27
C GLN A 17 8.32 0.72 1.74
N PRO A 18 9.28 1.26 2.46
CA PRO A 18 9.42 1.00 3.90
C PRO A 18 8.20 1.33 4.71
N LEU A 19 7.50 2.43 4.34
CA LEU A 19 6.33 2.82 5.08
C LEU A 19 5.12 2.43 4.27
N TYR A 20 4.22 1.63 4.89
CA TYR A 20 3.03 1.20 4.21
C TYR A 20 1.94 2.20 4.46
N GLN A 21 2.11 3.07 5.48
CA GLN A 21 1.10 4.06 5.79
C GLN A 21 1.05 5.09 4.69
N LEU A 22 2.22 5.51 4.18
CA LEU A 22 2.24 6.51 3.15
C LEU A 22 2.12 5.84 1.81
N CYS A 23 2.38 4.52 1.77
CA CYS A 23 2.33 3.82 0.51
C CYS A 23 0.97 3.23 0.25
N CYS A 24 0.45 2.38 1.16
CA CYS A 24 -0.82 1.74 0.90
C CYS A 24 -1.97 2.58 1.36
N ILE A 25 -1.93 3.06 2.61
CA ILE A 25 -3.04 3.80 3.14
C ILE A 25 -3.23 5.10 2.38
N ASN A 26 -2.14 5.83 2.05
CA ASN A 26 -2.31 7.11 1.39
C ASN A 26 -2.21 7.01 -0.12
N ASN A 27 -1.01 6.68 -0.67
CA ASN A 27 -0.84 6.68 -2.12
C ASN A 27 -1.66 5.62 -2.82
N CYS A 28 -1.68 4.36 -2.32
CA CYS A 28 -2.44 3.33 -3.03
C CYS A 28 -3.91 3.60 -2.97
N CYS A 29 -4.42 4.06 -1.80
CA CYS A 29 -5.84 4.30 -1.69
C CYS A 29 -6.06 5.68 -1.13
N PRO A 30 -5.98 6.69 -1.97
CA PRO A 30 -6.19 8.07 -1.54
C PRO A 30 -7.54 8.30 -0.94
N SER A 31 -7.59 9.13 0.12
CA SER A 31 -8.85 9.41 0.76
C SER A 31 -8.70 10.69 1.58
N ALA A 1 2.81 -7.60 2.61
CA ALA A 1 3.76 -7.18 1.55
C ALA A 1 3.05 -6.35 0.52
N ASP A 2 2.15 -7.00 -0.26
CA ASP A 2 1.40 -6.32 -1.28
C ASP A 2 0.42 -5.38 -0.63
N CYS A 3 0.08 -5.63 0.66
CA CYS A 3 -0.86 -4.80 1.39
C CYS A 3 -2.22 -4.96 0.77
N THR A 4 -2.64 -6.21 0.52
CA THR A 4 -3.94 -6.45 -0.08
C THR A 4 -4.96 -6.49 1.01
N GLU A 5 -4.53 -6.65 2.27
CA GLU A 5 -5.46 -6.72 3.38
C GLU A 5 -6.07 -5.37 3.62
N TYR A 6 -5.28 -4.28 3.50
CA TYR A 6 -5.80 -2.96 3.77
C TYR A 6 -6.40 -2.38 2.52
N CYS A 7 -5.79 -2.64 1.34
CA CYS A 7 -6.32 -2.09 0.10
C CYS A 7 -6.69 -3.22 -0.80
N SER A 8 -7.89 -3.11 -1.42
CA SER A 8 -8.35 -4.14 -2.33
C SER A 8 -7.41 -4.21 -3.50
N ASN A 9 -6.94 -3.03 -3.97
CA ASN A 9 -6.01 -3.01 -5.08
C ASN A 9 -4.68 -3.47 -4.56
N SER A 10 -4.05 -4.41 -5.28
CA SER A 10 -2.77 -4.92 -4.84
C SER A 10 -1.73 -3.89 -5.14
N CYS A 11 -0.75 -3.75 -4.23
CA CYS A 11 0.30 -2.79 -4.42
C CYS A 11 1.61 -3.51 -4.25
N PRO A 12 2.05 -4.19 -5.29
CA PRO A 12 3.30 -4.93 -5.24
C PRO A 12 4.50 -4.04 -5.12
N PHE A 13 4.33 -2.75 -5.45
CA PHE A 13 5.40 -1.80 -5.37
C PHE A 13 5.50 -1.30 -3.95
N CYS A 14 4.49 -1.64 -3.11
CA CYS A 14 4.47 -1.15 -1.75
C CYS A 14 5.52 -1.85 -0.93
N ASN A 15 5.81 -3.13 -1.22
CA ASN A 15 6.79 -3.84 -0.43
C ASN A 15 8.17 -3.34 -0.76
N GLY A 16 8.26 -2.45 -1.79
CA GLY A 16 9.55 -1.90 -2.16
C GLY A 16 9.68 -0.56 -1.50
N GLN A 17 8.65 -0.13 -0.73
CA GLN A 17 8.71 1.15 -0.07
C GLN A 17 8.44 0.91 1.40
N PRO A 18 9.46 1.09 2.22
CA PRO A 18 9.35 0.90 3.66
C PRO A 18 8.28 1.70 4.33
N LEU A 19 8.00 2.92 3.82
CA LEU A 19 7.00 3.76 4.43
C LEU A 19 5.65 3.29 3.96
N TYR A 20 5.02 2.37 4.72
CA TYR A 20 3.72 1.84 4.37
C TYR A 20 2.67 2.89 4.62
N GLN A 21 2.92 3.81 5.57
CA GLN A 21 1.95 4.84 5.89
C GLN A 21 1.75 5.74 4.70
N LEU A 22 2.84 6.11 4.01
CA LEU A 22 2.70 7.01 2.87
C LEU A 22 2.46 6.19 1.64
N CYS A 23 2.62 4.86 1.73
CA CYS A 23 2.46 4.03 0.57
C CYS A 23 1.09 3.41 0.55
N CYS A 24 0.87 2.39 1.40
CA CYS A 24 -0.39 1.68 1.42
C CYS A 24 -1.51 2.54 1.93
N ILE A 25 -1.31 3.20 3.09
CA ILE A 25 -2.37 3.96 3.69
C ILE A 25 -2.68 5.19 2.86
N ASN A 26 -1.66 5.90 2.33
CA ASN A 26 -1.95 7.11 1.59
C ASN A 26 -2.01 6.87 0.10
N ASN A 27 -0.88 6.52 -0.56
CA ASN A 27 -0.86 6.39 -2.01
C ASN A 27 -1.79 5.30 -2.52
N CYS A 28 -1.79 4.10 -1.91
CA CYS A 28 -2.63 3.03 -2.43
C CYS A 28 -4.08 3.33 -2.19
N CYS A 29 -4.43 3.85 -1.00
CA CYS A 29 -5.83 4.13 -0.71
C CYS A 29 -5.95 5.52 -0.17
N PRO A 30 -5.96 6.50 -1.06
CA PRO A 30 -6.08 7.89 -0.67
C PRO A 30 -7.50 8.30 -0.41
N SER A 31 -8.10 7.74 0.65
CA SER A 31 -9.47 8.08 0.98
C SER A 31 -9.67 7.79 2.47
N ALA A 1 0.80 -9.15 2.71
CA ALA A 1 1.81 -8.53 1.81
C ALA A 1 1.13 -7.80 0.67
N ASP A 2 1.86 -6.83 0.07
CA ASP A 2 1.34 -6.05 -1.03
C ASP A 2 0.17 -5.21 -0.57
N CYS A 3 0.01 -5.08 0.77
CA CYS A 3 -1.07 -4.30 1.35
C CYS A 3 -2.39 -4.82 0.88
N THR A 4 -2.51 -6.15 0.65
CA THR A 4 -3.76 -6.70 0.20
C THR A 4 -4.76 -6.66 1.32
N GLU A 5 -4.30 -6.90 2.57
CA GLU A 5 -5.19 -6.87 3.71
C GLU A 5 -5.60 -5.45 3.97
N TYR A 6 -4.66 -4.49 3.85
CA TYR A 6 -4.95 -3.10 4.13
C TYR A 6 -5.88 -2.54 3.09
N CYS A 7 -5.74 -2.92 1.81
CA CYS A 7 -6.61 -2.36 0.80
C CYS A 7 -6.76 -3.38 -0.29
N SER A 8 -7.95 -3.42 -0.92
CA SER A 8 -8.22 -4.37 -1.98
C SER A 8 -7.30 -4.10 -3.16
N ASN A 9 -6.77 -2.86 -3.26
CA ASN A 9 -5.89 -2.53 -4.36
C ASN A 9 -4.53 -3.04 -3.97
N SER A 10 -4.08 -4.13 -4.64
CA SER A 10 -2.79 -4.70 -4.34
C SER A 10 -1.73 -3.77 -4.87
N CYS A 11 -0.69 -3.51 -4.04
CA CYS A 11 0.37 -2.63 -4.45
C CYS A 11 1.67 -3.32 -4.18
N PRO A 12 2.13 -4.12 -5.11
CA PRO A 12 3.38 -4.84 -4.98
C PRO A 12 4.58 -3.94 -5.01
N PHE A 13 4.38 -2.69 -5.50
CA PHE A 13 5.47 -1.75 -5.58
C PHE A 13 5.70 -1.15 -4.21
N CYS A 14 4.73 -1.31 -3.28
CA CYS A 14 4.88 -0.73 -1.96
C CYS A 14 5.73 -1.59 -1.10
N ASN A 15 6.04 -2.84 -1.51
CA ASN A 15 6.87 -3.67 -0.67
C ASN A 15 8.31 -3.31 -0.94
N GLY A 16 8.53 -2.35 -1.86
CA GLY A 16 9.87 -1.91 -2.18
C GLY A 16 10.18 -0.73 -1.31
N GLN A 17 9.23 -0.36 -0.41
CA GLN A 17 9.44 0.76 0.46
C GLN A 17 9.18 0.30 1.86
N PRO A 18 9.87 0.89 2.81
CA PRO A 18 9.73 0.52 4.21
C PRO A 18 8.47 1.04 4.86
N LEU A 19 7.83 2.06 4.24
CA LEU A 19 6.62 2.62 4.83
C LEU A 19 5.47 2.25 3.94
N TYR A 20 4.41 1.69 4.56
CA TYR A 20 3.24 1.31 3.80
C TYR A 20 2.16 2.30 4.11
N GLN A 21 2.36 3.13 5.16
CA GLN A 21 1.37 4.10 5.54
C GLN A 21 1.24 5.14 4.46
N LEU A 22 2.37 5.58 3.88
CA LEU A 22 2.31 6.60 2.86
C LEU A 22 2.09 5.94 1.52
N CYS A 23 2.75 4.79 1.29
CA CYS A 23 2.66 4.13 0.01
C CYS A 23 1.29 3.53 -0.21
N CYS A 24 0.71 2.86 0.81
CA CYS A 24 -0.56 2.19 0.58
C CYS A 24 -1.74 2.97 1.10
N ILE A 25 -1.69 3.39 2.37
CA ILE A 25 -2.84 4.07 2.95
C ILE A 25 -3.06 5.42 2.31
N ASN A 26 -1.97 6.20 2.07
CA ASN A 26 -2.17 7.53 1.53
C ASN A 26 -2.09 7.57 0.03
N ASN A 27 -1.27 6.70 -0.63
CA ASN A 27 -1.15 6.80 -2.07
C ASN A 27 -1.99 5.78 -2.78
N CYS A 28 -1.88 4.48 -2.42
CA CYS A 28 -2.64 3.46 -3.14
C CYS A 28 -4.12 3.65 -2.97
N CYS A 29 -4.59 3.92 -1.74
CA CYS A 29 -6.02 4.06 -1.52
C CYS A 29 -6.26 5.29 -0.69
N PRO A 30 -6.22 6.43 -1.32
CA PRO A 30 -6.43 7.69 -0.63
C PRO A 30 -7.85 7.89 -0.21
N SER A 31 -8.05 8.65 0.89
CA SER A 31 -9.39 8.90 1.37
C SER A 31 -9.66 10.40 1.24
N ALA A 1 0.93 -8.39 2.72
CA ALA A 1 1.80 -7.82 1.66
C ALA A 1 0.99 -7.41 0.46
N ASP A 2 1.59 -6.57 -0.41
CA ASP A 2 0.92 -6.10 -1.61
C ASP A 2 -0.27 -5.25 -1.22
N CYS A 3 -0.29 -4.77 0.05
CA CYS A 3 -1.39 -3.95 0.54
C CYS A 3 -2.69 -4.71 0.45
N THR A 4 -2.62 -6.06 0.48
CA THR A 4 -3.83 -6.84 0.38
C THR A 4 -4.48 -6.93 1.73
N GLU A 5 -3.75 -6.55 2.79
CA GLU A 5 -4.30 -6.62 4.13
C GLU A 5 -4.93 -5.29 4.46
N TYR A 6 -4.80 -4.29 3.56
CA TYR A 6 -5.36 -2.99 3.83
C TYR A 6 -6.40 -2.67 2.80
N CYS A 7 -6.12 -2.98 1.51
CA CYS A 7 -7.06 -2.65 0.46
C CYS A 7 -7.25 -3.86 -0.39
N SER A 8 -8.41 -3.90 -1.10
CA SER A 8 -8.67 -5.00 -2.00
C SER A 8 -7.79 -4.82 -3.21
N ASN A 9 -7.43 -3.56 -3.51
CA ASN A 9 -6.57 -3.27 -4.63
C ASN A 9 -5.17 -3.63 -4.21
N SER A 10 -4.37 -4.15 -5.17
CA SER A 10 -3.03 -4.54 -4.85
C SER A 10 -2.11 -3.44 -5.27
N CYS A 11 -1.12 -3.12 -4.40
CA CYS A 11 -0.16 -2.10 -4.69
C CYS A 11 1.21 -2.68 -4.40
N PRO A 12 1.68 -3.53 -5.29
CA PRO A 12 2.96 -4.21 -5.13
C PRO A 12 4.12 -3.48 -5.71
N PHE A 13 4.46 -2.30 -5.15
CA PHE A 13 5.59 -1.55 -5.65
C PHE A 13 6.34 -0.99 -4.48
N CYS A 14 5.61 -0.46 -3.47
CA CYS A 14 6.28 0.10 -2.32
C CYS A 14 6.60 -1.00 -1.36
N ASN A 15 6.51 -2.27 -1.81
CA ASN A 15 6.85 -3.37 -0.96
C ASN A 15 8.35 -3.36 -0.81
N GLY A 16 9.03 -2.59 -1.69
CA GLY A 16 10.47 -2.50 -1.62
C GLY A 16 10.84 -1.41 -0.66
N GLN A 17 9.84 -0.81 0.01
CA GLN A 17 10.12 0.25 0.95
C GLN A 17 9.44 -0.11 2.25
N PRO A 18 10.01 0.31 3.35
CA PRO A 18 9.46 0.03 4.66
C PRO A 18 8.38 0.97 5.08
N LEU A 19 8.16 2.05 4.30
CA LEU A 19 7.15 3.01 4.67
C LEU A 19 5.91 2.68 3.89
N TYR A 20 4.87 2.19 4.60
CA TYR A 20 3.62 1.86 3.95
C TYR A 20 2.61 2.91 4.33
N GLN A 21 3.00 3.87 5.19
CA GLN A 21 2.06 4.90 5.60
C GLN A 21 1.75 5.82 4.45
N LEU A 22 2.77 6.18 3.65
CA LEU A 22 2.56 7.10 2.56
C LEU A 22 2.37 6.35 1.28
N CYS A 23 2.54 5.00 1.32
CA CYS A 23 2.43 4.24 0.10
C CYS A 23 1.19 3.39 0.13
N CYS A 24 0.75 2.93 1.31
CA CYS A 24 -0.40 2.08 1.37
C CYS A 24 -1.58 2.86 1.85
N ILE A 25 -1.46 3.46 3.05
CA ILE A 25 -2.56 4.20 3.62
C ILE A 25 -2.86 5.41 2.78
N ASN A 26 -1.82 6.13 2.29
CA ASN A 26 -2.08 7.32 1.53
C ASN A 26 -2.15 7.06 0.04
N ASN A 27 -0.99 6.75 -0.60
CA ASN A 27 -0.96 6.59 -2.05
C ASN A 27 -1.79 5.44 -2.56
N CYS A 28 -1.72 4.24 -1.94
CA CYS A 28 -2.47 3.10 -2.47
C CYS A 28 -3.95 3.36 -2.37
N CYS A 29 -4.44 3.83 -1.19
CA CYS A 29 -5.87 4.07 -1.05
C CYS A 29 -6.08 5.43 -0.44
N PRO A 30 -6.09 6.45 -1.26
CA PRO A 30 -6.30 7.81 -0.79
C PRO A 30 -7.75 8.15 -0.63
N SER A 31 -8.42 7.49 0.35
CA SER A 31 -9.82 7.75 0.58
C SER A 31 -9.94 8.89 1.59
N ALA A 1 0.89 -8.27 3.43
CA ALA A 1 1.86 -7.86 2.38
C ALA A 1 1.13 -7.50 1.12
N ASP A 2 1.73 -6.58 0.32
CA ASP A 2 1.14 -6.13 -0.93
C ASP A 2 -0.16 -5.44 -0.66
N CYS A 3 -0.32 -4.89 0.57
CA CYS A 3 -1.53 -4.19 0.96
C CYS A 3 -2.72 -5.11 0.85
N THR A 4 -2.53 -6.41 1.16
CA THR A 4 -3.63 -7.34 1.11
C THR A 4 -4.40 -7.16 2.39
N GLU A 5 -5.73 -7.38 2.31
CA GLU A 5 -6.59 -7.22 3.47
C GLU A 5 -6.51 -5.80 3.95
N TYR A 6 -6.27 -4.86 3.00
CA TYR A 6 -6.17 -3.47 3.34
C TYR A 6 -6.80 -2.70 2.23
N CYS A 7 -6.26 -2.88 1.00
CA CYS A 7 -6.80 -2.18 -0.14
C CYS A 7 -7.22 -3.20 -1.15
N SER A 8 -8.28 -2.89 -1.92
CA SER A 8 -8.76 -3.80 -2.92
C SER A 8 -7.70 -3.93 -3.98
N ASN A 9 -7.05 -2.80 -4.33
CA ASN A 9 -6.02 -2.82 -5.34
C ASN A 9 -4.76 -3.31 -4.69
N SER A 10 -4.02 -4.19 -5.41
CA SER A 10 -2.78 -4.70 -4.87
C SER A 10 -1.72 -3.68 -5.12
N CYS A 11 -0.87 -3.41 -4.11
CA CYS A 11 0.17 -2.44 -4.26
C CYS A 11 1.47 -3.05 -3.79
N PRO A 12 2.03 -3.91 -4.61
CA PRO A 12 3.29 -4.60 -4.30
C PRO A 12 4.48 -3.71 -4.38
N PHE A 13 4.32 -2.52 -5.01
CA PHE A 13 5.42 -1.60 -5.17
C PHE A 13 5.74 -0.97 -3.84
N CYS A 14 4.87 -1.20 -2.83
CA CYS A 14 5.09 -0.63 -1.51
C CYS A 14 6.32 -1.22 -0.90
N ASN A 15 6.57 -2.53 -1.10
CA ASN A 15 7.74 -3.15 -0.49
C ASN A 15 8.96 -2.81 -1.30
N GLY A 16 8.78 -2.05 -2.40
CA GLY A 16 9.89 -1.67 -3.24
C GLY A 16 10.83 -0.79 -2.46
N GLN A 17 10.28 0.16 -1.66
CA GLN A 17 11.15 1.04 -0.91
C GLN A 17 10.31 1.97 -0.04
N PRO A 18 9.28 2.60 -0.59
CA PRO A 18 8.44 3.52 0.18
C PRO A 18 7.82 2.93 1.41
N LEU A 19 7.57 3.79 2.43
CA LEU A 19 7.00 3.32 3.67
C LEU A 19 5.58 2.91 3.41
N TYR A 20 5.10 1.92 4.21
CA TYR A 20 3.76 1.41 4.05
C TYR A 20 2.74 2.45 4.47
N GLN A 21 3.09 3.35 5.40
CA GLN A 21 2.12 4.34 5.83
C GLN A 21 1.80 5.26 4.67
N LEU A 22 2.82 5.68 3.91
CA LEU A 22 2.58 6.57 2.81
C LEU A 22 2.12 5.78 1.61
N CYS A 23 2.82 4.66 1.32
CA CYS A 23 2.51 3.86 0.17
C CYS A 23 1.19 3.14 0.30
N CYS A 24 0.92 2.51 1.46
CA CYS A 24 -0.29 1.71 1.58
C CYS A 24 -1.46 2.52 2.06
N ILE A 25 -1.33 3.13 3.25
CA ILE A 25 -2.45 3.84 3.84
C ILE A 25 -2.85 5.02 2.98
N ASN A 26 -1.89 5.80 2.45
CA ASN A 26 -2.28 6.98 1.69
C ASN A 26 -2.33 6.71 0.20
N ASN A 27 -1.19 6.38 -0.43
CA ASN A 27 -1.15 6.22 -1.88
C ASN A 27 -1.99 5.05 -2.36
N CYS A 28 -1.85 3.85 -1.75
CA CYS A 28 -2.57 2.69 -2.22
C CYS A 28 -4.04 2.89 -1.99
N CYS A 29 -4.43 3.46 -0.82
CA CYS A 29 -5.83 3.68 -0.53
C CYS A 29 -6.04 5.16 -0.32
N PRO A 30 -6.35 5.88 -1.38
CA PRO A 30 -6.58 7.32 -1.30
C PRO A 30 -7.69 7.68 -0.37
N SER A 31 -7.53 8.79 0.37
CA SER A 31 -8.54 9.21 1.29
C SER A 31 -8.47 10.74 1.40
N ALA A 1 4.28 -10.40 0.40
CA ALA A 1 4.06 -8.95 0.64
C ALA A 1 3.52 -8.29 -0.59
N ASP A 2 2.67 -7.27 -0.40
CA ASP A 2 2.08 -6.56 -1.51
C ASP A 2 1.35 -5.39 -0.91
N CYS A 3 0.05 -5.61 -0.59
CA CYS A 3 -0.78 -4.58 0.00
C CYS A 3 -2.17 -5.10 -0.03
N THR A 4 -2.42 -6.29 0.57
CA THR A 4 -3.74 -6.86 0.56
C THR A 4 -4.30 -6.80 1.96
N GLU A 5 -3.43 -6.59 2.96
CA GLU A 5 -3.90 -6.54 4.33
C GLU A 5 -4.10 -5.11 4.73
N TYR A 6 -3.75 -4.15 3.83
CA TYR A 6 -3.90 -2.76 4.16
C TYR A 6 -4.94 -2.14 3.29
N CYS A 7 -5.21 -2.72 2.10
CA CYS A 7 -6.21 -2.15 1.23
C CYS A 7 -6.54 -3.18 0.19
N SER A 8 -7.74 -3.05 -0.42
CA SER A 8 -8.16 -3.98 -1.43
C SER A 8 -7.25 -3.87 -2.64
N ASN A 9 -6.83 -2.63 -2.98
CA ASN A 9 -5.98 -2.44 -4.13
C ASN A 9 -4.61 -2.96 -3.79
N SER A 10 -4.13 -3.95 -4.59
CA SER A 10 -2.82 -4.52 -4.35
C SER A 10 -1.80 -3.61 -4.97
N CYS A 11 -0.68 -3.38 -4.25
CA CYS A 11 0.36 -2.51 -4.74
C CYS A 11 1.66 -3.24 -4.59
N PRO A 12 2.07 -3.96 -5.62
CA PRO A 12 3.31 -4.71 -5.57
C PRO A 12 4.53 -3.83 -5.49
N PHE A 13 4.38 -2.55 -5.87
CA PHE A 13 5.48 -1.62 -5.83
C PHE A 13 5.62 -1.10 -4.42
N CYS A 14 4.57 -1.27 -3.60
CA CYS A 14 4.60 -0.76 -2.25
C CYS A 14 5.54 -1.55 -1.39
N ASN A 15 5.64 -2.88 -1.61
CA ASN A 15 6.51 -3.68 -0.77
C ASN A 15 7.95 -3.35 -1.05
N GLY A 16 8.21 -2.43 -2.02
CA GLY A 16 9.56 -2.05 -2.32
C GLY A 16 10.04 -1.11 -1.25
N GLN A 17 9.10 -0.60 -0.39
CA GLN A 17 9.49 0.30 0.66
C GLN A 17 8.87 -0.21 1.95
N PRO A 18 9.56 -0.01 3.06
CA PRO A 18 9.06 -0.42 4.37
C PRO A 18 7.86 0.34 4.83
N LEU A 19 7.71 1.59 4.35
CA LEU A 19 6.60 2.42 4.77
C LEU A 19 5.36 1.97 4.05
N TYR A 20 4.29 1.64 4.82
CA TYR A 20 3.05 1.19 4.23
C TYR A 20 1.97 2.20 4.54
N GLN A 21 2.25 3.19 5.42
CA GLN A 21 1.23 4.15 5.77
C GLN A 21 0.98 5.07 4.61
N LEU A 22 1.95 5.94 4.30
CA LEU A 22 1.76 6.87 3.20
C LEU A 22 1.68 6.10 1.91
N CYS A 23 2.50 5.03 1.82
CA CYS A 23 2.55 4.22 0.62
C CYS A 23 1.24 3.55 0.30
N CYS A 24 0.58 2.88 1.27
CA CYS A 24 -0.65 2.16 0.93
C CYS A 24 -1.87 2.86 1.43
N ILE A 25 -1.87 3.30 2.70
CA ILE A 25 -3.05 3.91 3.25
C ILE A 25 -3.40 5.18 2.52
N ASN A 26 -2.40 6.01 2.15
CA ASN A 26 -2.73 7.27 1.50
C ASN A 26 -2.51 7.20 0.01
N ASN A 27 -1.33 6.74 -0.46
CA ASN A 27 -1.06 6.75 -1.89
C ASN A 27 -1.87 5.70 -2.64
N CYS A 28 -1.83 4.43 -2.19
CA CYS A 28 -2.55 3.38 -2.92
C CYS A 28 -4.04 3.60 -2.86
N CYS A 29 -4.57 4.00 -1.68
CA CYS A 29 -6.01 4.18 -1.57
C CYS A 29 -6.28 5.51 -0.96
N PRO A 30 -6.23 6.54 -1.77
CA PRO A 30 -6.49 7.91 -1.30
C PRO A 30 -7.95 8.15 -1.03
N SER A 31 -8.23 9.10 -0.12
CA SER A 31 -9.60 9.41 0.20
C SER A 31 -9.67 10.89 0.59
N ALA A 1 1.75 -9.13 2.33
CA ALA A 1 2.52 -8.77 1.12
C ALA A 1 1.62 -8.14 0.09
N ASP A 2 2.18 -7.17 -0.68
CA ASP A 2 1.43 -6.48 -1.71
C ASP A 2 0.38 -5.60 -1.07
N CYS A 3 0.43 -5.48 0.28
CA CYS A 3 -0.54 -4.68 1.00
C CYS A 3 -1.91 -5.27 0.80
N THR A 4 -1.99 -6.61 0.74
CA THR A 4 -3.27 -7.25 0.54
C THR A 4 -3.88 -7.48 1.89
N GLU A 5 -4.35 -6.39 2.54
CA GLU A 5 -4.95 -6.53 3.84
C GLU A 5 -5.45 -5.18 4.25
N TYR A 6 -4.57 -4.15 4.19
CA TYR A 6 -4.95 -2.81 4.58
C TYR A 6 -5.90 -2.25 3.56
N CYS A 7 -5.71 -2.59 2.27
CA CYS A 7 -6.57 -2.07 1.25
C CYS A 7 -6.71 -3.14 0.21
N SER A 8 -7.86 -3.13 -0.51
CA SER A 8 -8.10 -4.13 -1.53
C SER A 8 -7.26 -3.84 -2.75
N ASN A 9 -6.66 -2.63 -2.82
CA ASN A 9 -5.86 -2.28 -3.96
C ASN A 9 -4.50 -2.88 -3.75
N SER A 10 -4.14 -3.89 -4.58
CA SER A 10 -2.86 -4.54 -4.46
C SER A 10 -1.80 -3.60 -4.94
N CYS A 11 -0.72 -3.46 -4.15
CA CYS A 11 0.36 -2.57 -4.53
C CYS A 11 1.66 -3.31 -4.35
N PRO A 12 2.05 -4.06 -5.34
CA PRO A 12 3.30 -4.81 -5.27
C PRO A 12 4.52 -3.93 -5.22
N PHE A 13 4.37 -2.70 -5.73
CA PHE A 13 5.46 -1.75 -5.74
C PHE A 13 5.65 -1.21 -4.33
N CYS A 14 4.62 -1.40 -3.48
CA CYS A 14 4.69 -0.90 -2.12
C CYS A 14 5.60 -1.78 -1.32
N ASN A 15 5.87 -3.02 -1.80
CA ASN A 15 6.72 -3.92 -1.08
C ASN A 15 8.14 -3.43 -1.17
N GLY A 16 8.40 -2.44 -2.06
CA GLY A 16 9.72 -1.92 -2.23
C GLY A 16 9.93 -0.76 -1.30
N GLN A 17 8.93 -0.48 -0.41
CA GLN A 17 9.07 0.62 0.51
C GLN A 17 8.87 0.09 1.90
N PRO A 18 9.58 0.66 2.86
CA PRO A 18 9.48 0.24 4.24
C PRO A 18 8.28 0.78 4.96
N LEU A 19 7.67 1.86 4.43
CA LEU A 19 6.53 2.45 5.07
C LEU A 19 5.33 2.13 4.23
N TYR A 20 4.27 1.57 4.87
CA TYR A 20 3.07 1.22 4.14
C TYR A 20 2.00 2.21 4.51
N GLN A 21 2.34 3.25 5.29
CA GLN A 21 1.36 4.23 5.69
C GLN A 21 1.12 5.17 4.55
N LEU A 22 2.12 6.01 4.21
CA LEU A 22 1.94 6.94 3.12
C LEU A 22 1.82 6.16 1.83
N CYS A 23 2.62 5.09 1.72
CA CYS A 23 2.63 4.28 0.52
C CYS A 23 1.32 3.59 0.27
N CYS A 24 0.72 2.93 1.28
CA CYS A 24 -0.49 2.16 1.02
C CYS A 24 -1.73 2.88 1.48
N ILE A 25 -1.75 3.34 2.74
CA ILE A 25 -2.94 3.97 3.26
C ILE A 25 -3.28 5.22 2.48
N ASN A 26 -2.27 6.04 2.10
CA ASN A 26 -2.57 7.27 1.41
C ASN A 26 -2.42 7.13 -0.09
N ASN A 27 -1.20 6.82 -0.58
CA ASN A 27 -0.99 6.77 -2.02
C ASN A 27 -1.77 5.66 -2.70
N CYS A 28 -1.81 4.44 -2.14
CA CYS A 28 -2.53 3.37 -2.83
C CYS A 28 -4.01 3.59 -2.78
N CYS A 29 -4.55 4.02 -1.63
CA CYS A 29 -5.99 4.21 -1.54
C CYS A 29 -6.28 5.55 -0.93
N PRO A 30 -6.17 6.59 -1.72
CA PRO A 30 -6.43 7.94 -1.25
C PRO A 30 -7.89 8.21 -1.02
N SER A 31 -8.20 9.13 -0.10
CA SER A 31 -9.58 9.45 0.18
C SER A 31 -9.62 10.84 0.84
N ALA A 1 1.97 -8.11 2.88
CA ALA A 1 2.66 -8.01 1.57
C ALA A 1 1.65 -7.77 0.46
N ASP A 2 2.02 -6.87 -0.49
CA ASP A 2 1.17 -6.54 -1.61
C ASP A 2 -0.05 -5.80 -1.12
N CYS A 3 -0.06 -5.40 0.17
CA CYS A 3 -1.19 -4.68 0.74
C CYS A 3 -2.44 -5.51 0.60
N THR A 4 -2.35 -6.84 0.80
CA THR A 4 -3.51 -7.69 0.66
C THR A 4 -4.47 -7.43 1.79
N GLU A 5 -3.95 -7.08 2.98
CA GLU A 5 -4.82 -6.84 4.12
C GLU A 5 -4.81 -5.37 4.44
N TYR A 6 -4.17 -4.54 3.59
CA TYR A 6 -4.10 -3.12 3.88
C TYR A 6 -4.98 -2.38 2.92
N CYS A 7 -5.35 -2.99 1.77
CA CYS A 7 -6.20 -2.30 0.84
C CYS A 7 -6.78 -3.34 -0.08
N SER A 8 -8.00 -3.07 -0.60
CA SER A 8 -8.65 -3.99 -1.50
C SER A 8 -7.80 -4.11 -2.74
N ASN A 9 -7.25 -2.97 -3.21
CA ASN A 9 -6.41 -2.99 -4.39
C ASN A 9 -5.04 -3.39 -3.95
N SER A 10 -4.41 -4.34 -4.68
CA SER A 10 -3.09 -4.78 -4.32
C SER A 10 -2.12 -3.70 -4.69
N CYS A 11 -1.01 -3.58 -3.91
CA CYS A 11 -0.01 -2.58 -4.19
C CYS A 11 1.32 -3.26 -4.10
N PRO A 12 1.67 -4.04 -5.10
CA PRO A 12 2.94 -4.78 -5.12
C PRO A 12 4.16 -3.90 -5.17
N PHE A 13 4.05 -2.71 -5.76
CA PHE A 13 5.18 -1.82 -5.86
C PHE A 13 5.42 -1.17 -4.52
N CYS A 14 4.42 -1.25 -3.62
CA CYS A 14 4.53 -0.65 -2.31
C CYS A 14 5.41 -1.50 -1.45
N ASN A 15 5.69 -2.75 -1.88
CA ASN A 15 6.52 -3.63 -1.08
C ASN A 15 7.96 -3.15 -1.16
N GLY A 16 8.23 -2.15 -2.04
CA GLY A 16 9.57 -1.64 -2.17
C GLY A 16 9.80 -0.57 -1.15
N GLN A 17 8.80 -0.28 -0.28
CA GLN A 17 8.99 0.75 0.71
C GLN A 17 8.65 0.16 2.05
N PRO A 18 9.34 0.61 3.08
CA PRO A 18 9.14 0.12 4.43
C PRO A 18 7.96 0.74 5.14
N LEU A 19 7.51 1.93 4.67
CA LEU A 19 6.40 2.59 5.31
C LEU A 19 5.22 2.41 4.42
N TYR A 20 4.13 1.83 4.96
CA TYR A 20 2.94 1.60 4.17
C TYR A 20 1.89 2.61 4.54
N GLN A 21 2.17 3.48 5.53
CA GLN A 21 1.19 4.45 5.96
C GLN A 21 0.97 5.46 4.86
N LEU A 22 2.05 5.93 4.22
CA LEU A 22 1.89 6.92 3.17
C LEU A 22 1.94 6.22 1.85
N CYS A 23 2.78 5.18 1.74
CA CYS A 23 2.92 4.46 0.49
C CYS A 23 1.65 3.72 0.14
N CYS A 24 1.07 2.96 1.09
CA CYS A 24 -0.09 2.15 0.76
C CYS A 24 -1.38 2.82 1.14
N ILE A 25 -1.55 3.15 2.43
CA ILE A 25 -2.80 3.70 2.89
C ILE A 25 -3.10 5.02 2.22
N ASN A 26 -2.10 5.92 2.10
CA ASN A 26 -2.39 7.21 1.51
C ASN A 26 -2.25 7.21 0.00
N ASN A 27 -1.01 7.14 -0.51
CA ASN A 27 -0.76 7.25 -1.94
C ASN A 27 -1.35 6.13 -2.75
N CYS A 28 -1.26 4.85 -2.29
CA CYS A 28 -1.76 3.76 -3.11
C CYS A 28 -3.26 3.76 -3.13
N CYS A 29 -3.92 4.02 -1.97
CA CYS A 29 -5.37 4.00 -1.94
C CYS A 29 -5.86 5.27 -1.33
N PRO A 30 -5.87 6.33 -2.10
CA PRO A 30 -6.32 7.63 -1.63
C PRO A 30 -7.82 7.77 -1.63
N SER A 31 -8.49 7.00 -0.76
CA SER A 31 -9.93 7.07 -0.70
C SER A 31 -10.35 6.61 0.70
N ALA A 1 2.69 -8.31 2.50
CA ALA A 1 3.65 -7.30 1.97
C ALA A 1 3.07 -6.57 0.79
N ASP A 2 2.14 -7.22 0.07
CA ASP A 2 1.52 -6.59 -1.08
C ASP A 2 0.43 -5.67 -0.59
N CYS A 3 0.08 -5.75 0.72
CA CYS A 3 -0.94 -4.90 1.29
C CYS A 3 -2.26 -5.19 0.60
N THR A 4 -2.70 -6.46 0.64
CA THR A 4 -3.94 -6.83 -0.01
C THR A 4 -5.04 -6.89 1.03
N GLU A 5 -4.70 -6.60 2.30
CA GLU A 5 -5.69 -6.66 3.34
C GLU A 5 -6.29 -5.29 3.54
N TYR A 6 -5.43 -4.24 3.61
CA TYR A 6 -5.94 -2.90 3.83
C TYR A 6 -6.66 -2.42 2.60
N CYS A 7 -6.12 -2.73 1.40
CA CYS A 7 -6.75 -2.30 0.17
C CYS A 7 -6.95 -3.50 -0.69
N SER A 8 -8.07 -3.51 -1.46
CA SER A 8 -8.35 -4.62 -2.34
C SER A 8 -7.37 -4.60 -3.47
N ASN A 9 -6.85 -3.39 -3.80
CA ASN A 9 -5.89 -3.28 -4.86
C ASN A 9 -4.54 -3.57 -4.27
N SER A 10 -3.88 -4.64 -4.74
CA SER A 10 -2.59 -5.00 -4.23
C SER A 10 -1.59 -3.97 -4.67
N CYS A 11 -0.64 -3.64 -3.78
CA CYS A 11 0.37 -2.66 -4.10
C CYS A 11 1.71 -3.24 -3.80
N PRO A 12 2.21 -4.05 -4.70
CA PRO A 12 3.51 -4.69 -4.52
C PRO A 12 4.65 -3.71 -4.55
N PHE A 13 4.41 -2.51 -5.11
CA PHE A 13 5.45 -1.50 -5.18
C PHE A 13 5.66 -0.90 -3.82
N CYS A 14 4.67 -1.06 -2.90
CA CYS A 14 4.80 -0.49 -1.57
C CYS A 14 5.90 -1.19 -0.81
N ASN A 15 6.03 -2.53 -0.96
CA ASN A 15 7.05 -3.24 -0.22
C ASN A 15 8.37 -3.07 -0.92
N GLY A 16 8.37 -2.35 -2.07
CA GLY A 16 9.59 -2.13 -2.80
C GLY A 16 10.52 -1.28 -1.98
N GLN A 17 9.98 -0.26 -1.26
CA GLN A 17 10.82 0.61 -0.47
C GLN A 17 9.97 1.57 0.34
N PRO A 18 9.00 2.23 -0.26
CA PRO A 18 8.16 3.21 0.44
C PRO A 18 7.46 2.68 1.66
N LEU A 19 7.25 3.57 2.65
CA LEU A 19 6.59 3.21 3.89
C LEU A 19 5.17 2.82 3.56
N TYR A 20 4.67 1.78 4.23
CA TYR A 20 3.32 1.29 3.99
C TYR A 20 2.30 2.33 4.32
N GLN A 21 2.53 3.14 5.39
CA GLN A 21 1.55 4.13 5.78
C GLN A 21 1.39 5.17 4.70
N LEU A 22 2.50 5.64 4.09
CA LEU A 22 2.38 6.68 3.09
C LEU A 22 2.16 6.07 1.74
N CYS A 23 2.36 4.74 1.62
CA CYS A 23 2.20 4.10 0.34
C CYS A 23 0.85 3.46 0.24
N CYS A 24 0.62 2.40 1.04
CA CYS A 24 -0.63 1.67 0.95
C CYS A 24 -1.78 2.48 1.50
N ILE A 25 -1.63 3.04 2.71
CA ILE A 25 -2.74 3.74 3.32
C ILE A 25 -3.01 5.05 2.62
N ASN A 26 -1.97 5.83 2.24
CA ASN A 26 -2.24 7.11 1.63
C ASN A 26 -2.21 7.04 0.11
N ASN A 27 -1.07 6.65 -0.49
CA ASN A 27 -0.98 6.66 -1.95
C ASN A 27 -1.94 5.69 -2.61
N CYS A 28 -1.97 4.42 -2.17
CA CYS A 28 -2.82 3.44 -2.83
C CYS A 28 -4.28 3.71 -2.58
N CYS A 29 -4.65 4.07 -1.33
CA CYS A 29 -6.05 4.31 -1.04
C CYS A 29 -6.21 5.62 -0.33
N PRO A 30 -6.14 6.70 -1.07
CA PRO A 30 -6.28 8.03 -0.50
C PRO A 30 -7.68 8.34 -0.09
N SER A 31 -7.83 9.24 0.91
CA SER A 31 -9.17 9.59 1.36
C SER A 31 -9.07 10.97 2.02
#